data_5Z4H
#
_entry.id   5Z4H
#
_cell.length_a   61.576
_cell.length_b   68.007
_cell.length_c   102.877
_cell.angle_alpha   90.00
_cell.angle_beta   90.00
_cell.angle_gamma   90.00
#
_symmetry.space_group_name_H-M   'P 21 21 21'
#
loop_
_entity.id
_entity.type
_entity.pdbx_description
1 polymer 'DNA gyrase subunit B'
2 non-polymer 'PHOSPHATE ION'
3 non-polymer 4-(4-hydroxyphenyl)sulfanylphenol
4 non-polymer 1H-benzimidazol-2-amine
5 water water
#
_entity_poly.entity_id   1
_entity_poly.type   'polypeptide(L)'
_entity_poly.pdbx_seq_one_letter_code
;GLDAVRKRPGMYIGDTDDGTGLHHMVFEVVDNAIDEALAGHCKEIIVTIHADNSVSVQDDGRGIPTGIHPEEGVSAAEVI
MTVLHAGGKFDDNSYKVSGGLHGVGVSVVNALSQKLELVIQREGKIHRQIYEHGVPQAPLAVTGETEKTGTMVRFWPSLE
TFTNVTEFEYEILAKRLRELSFLNSGVSIRLRDKRDGKEDHFHYEGG
;
_entity_poly.pdbx_strand_id   A,B
#
# COMPACT_ATOMS: atom_id res chain seq x y z
N LEU A 2 -2.50 8.46 -1.59
CA LEU A 2 -3.58 7.45 -1.40
C LEU A 2 -3.59 6.70 -0.04
N ASP A 3 -2.60 6.94 0.82
CA ASP A 3 -2.60 6.31 2.14
C ASP A 3 -3.81 6.67 3.02
N ALA A 4 -4.38 7.86 2.85
CA ALA A 4 -5.62 8.21 3.58
C ALA A 4 -6.78 7.28 3.23
N VAL A 5 -6.85 6.85 1.96
CA VAL A 5 -7.88 5.92 1.52
C VAL A 5 -7.63 4.50 2.05
N ARG A 6 -6.38 4.05 1.96
CA ARG A 6 -6.03 2.72 2.41
C ARG A 6 -6.27 2.58 3.94
N LYS A 7 -6.03 3.66 4.67
CA LYS A 7 -6.23 3.70 6.12
C LYS A 7 -7.68 3.47 6.58
N ARG A 8 -8.64 4.02 5.84
CA ARG A 8 -10.04 3.91 6.19
C ARG A 8 -10.89 3.69 4.94
N PRO A 9 -10.81 2.50 4.32
CA PRO A 9 -11.44 2.33 2.99
C PRO A 9 -12.95 2.61 3.04
N GLY A 10 -13.59 2.13 4.10
CA GLY A 10 -15.02 2.33 4.35
C GLY A 10 -15.51 3.75 4.30
N MET A 11 -14.68 4.70 4.74
CA MET A 11 -15.03 6.12 4.68
C MET A 11 -15.05 6.72 3.28
N TYR A 12 -14.34 6.08 2.34
CA TYR A 12 -14.28 6.57 0.96
C TYR A 12 -15.22 5.80 0.04
N ILE A 13 -15.31 4.48 0.20
CA ILE A 13 -16.02 3.64 -0.76
C ILE A 13 -17.36 3.10 -0.24
N GLY A 14 -17.58 3.11 1.07
CA GLY A 14 -18.77 2.50 1.67
C GLY A 14 -18.40 1.15 2.28
N ASP A 15 -19.40 0.45 2.80
CA ASP A 15 -19.16 -0.74 3.63
C ASP A 15 -18.39 -1.84 2.88
N THR A 16 -17.24 -2.24 3.44
CA THR A 16 -16.37 -3.23 2.79
C THR A 16 -16.68 -4.67 3.17
N ASP A 17 -17.76 -4.90 3.93
CA ASP A 17 -18.16 -6.26 4.32
C ASP A 17 -19.51 -6.74 3.74
N ASP A 18 -20.46 -5.84 3.49
CA ASP A 18 -21.80 -6.26 3.04
C ASP A 18 -22.05 -6.16 1.51
N GLY A 19 -21.01 -5.88 0.73
CA GLY A 19 -21.14 -5.72 -0.72
C GLY A 19 -21.39 -4.32 -1.26
N THR A 20 -21.78 -3.36 -0.41
CA THR A 20 -22.09 -2.02 -0.90
CA THR A 20 -22.06 -1.97 -0.80
C THR A 20 -20.83 -1.30 -1.43
N GLY A 21 -19.72 -1.34 -0.68
CA GLY A 21 -18.47 -0.77 -1.14
C GLY A 21 -17.98 -1.44 -2.42
N LEU A 22 -18.07 -2.76 -2.47
CA LEU A 22 -17.59 -3.54 -3.62
C LEU A 22 -18.26 -3.08 -4.92
N HIS A 23 -19.57 -2.84 -4.83
CA HIS A 23 -20.33 -2.42 -6.00
C HIS A 23 -20.14 -0.95 -6.33
N HIS A 24 -19.98 -0.13 -5.29
CA HIS A 24 -19.63 1.29 -5.47
CA HIS A 24 -19.64 1.29 -5.49
C HIS A 24 -18.33 1.44 -6.29
N MET A 25 -17.42 0.47 -6.17
CA MET A 25 -16.17 0.50 -6.96
C MET A 25 -16.47 0.56 -8.46
N VAL A 26 -17.40 -0.27 -8.91
CA VAL A 26 -17.84 -0.27 -10.31
C VAL A 26 -18.51 1.06 -10.66
N PHE A 27 -19.40 1.54 -9.79
CA PHE A 27 -20.15 2.76 -10.09
C PHE A 27 -19.27 3.97 -10.25
N GLU A 28 -18.22 4.06 -9.43
CA GLU A 28 -17.25 5.15 -9.58
C GLU A 28 -16.54 5.11 -10.94
N VAL A 29 -16.15 3.93 -11.40
CA VAL A 29 -15.50 3.79 -12.70
C VAL A 29 -16.48 4.17 -13.83
N VAL A 30 -17.70 3.67 -13.74
CA VAL A 30 -18.76 3.97 -14.71
C VAL A 30 -19.01 5.49 -14.86
N ASP A 31 -19.05 6.24 -13.75
CA ASP A 31 -19.26 7.71 -13.84
C ASP A 31 -18.21 8.37 -14.74
N ASN A 32 -16.95 7.96 -14.59
CA ASN A 32 -15.85 8.49 -15.40
C ASN A 32 -16.02 8.07 -16.86
N ALA A 33 -16.36 6.80 -17.08
CA ALA A 33 -16.62 6.28 -18.40
C ALA A 33 -17.78 7.01 -19.10
N ILE A 34 -18.86 7.29 -18.37
CA ILE A 34 -20.00 8.03 -18.95
C ILE A 34 -19.57 9.45 -19.37
N ASP A 35 -18.80 10.12 -18.50
CA ASP A 35 -18.27 11.45 -18.86
C ASP A 35 -17.45 11.40 -20.16
N GLU A 36 -16.59 10.39 -20.27
CA GLU A 36 -15.80 10.21 -21.48
C GLU A 36 -16.66 9.90 -22.70
N ALA A 37 -17.63 9.01 -22.56
CA ALA A 37 -18.44 8.62 -23.71
C ALA A 37 -19.27 9.80 -24.22
N LEU A 38 -19.74 10.65 -23.32
CA LEU A 38 -20.50 11.86 -23.68
C LEU A 38 -19.73 12.84 -24.57
N ALA A 39 -18.41 12.90 -24.42
CA ALA A 39 -17.57 13.79 -25.22
C ALA A 39 -17.17 13.23 -26.59
N GLY A 40 -17.59 12.01 -26.93
CA GLY A 40 -17.30 11.40 -28.24
C GLY A 40 -18.53 11.24 -29.11
N HIS A 41 -18.37 10.58 -30.26
CA HIS A 41 -19.44 10.48 -31.27
C HIS A 41 -20.43 9.34 -31.04
N CYS A 42 -19.92 8.13 -30.84
CA CYS A 42 -20.79 6.93 -30.74
C CYS A 42 -21.48 6.76 -29.38
N LYS A 43 -20.81 7.21 -28.30
CA LYS A 43 -21.42 7.29 -26.98
C LYS A 43 -21.88 5.92 -26.46
N GLU A 44 -20.96 4.97 -26.39
CA GLU A 44 -21.24 3.66 -25.81
C GLU A 44 -20.21 3.31 -24.75
N ILE A 45 -20.70 2.74 -23.65
CA ILE A 45 -19.83 2.09 -22.65
C ILE A 45 -20.21 0.62 -22.55
N ILE A 46 -19.23 -0.22 -22.21
CA ILE A 46 -19.45 -1.63 -21.96
C ILE A 46 -18.88 -1.96 -20.59
N VAL A 47 -19.71 -2.54 -19.73
CA VAL A 47 -19.31 -3.01 -18.41
C VAL A 47 -19.34 -4.53 -18.46
N THR A 48 -18.21 -5.15 -18.17
CA THR A 48 -18.05 -6.61 -18.22
C THR A 48 -17.65 -7.17 -16.86
N ILE A 49 -18.39 -8.16 -16.38
CA ILE A 49 -18.00 -8.92 -15.19
C ILE A 49 -17.23 -10.13 -15.68
N HIS A 50 -15.98 -10.26 -15.28
CA HIS A 50 -15.13 -11.37 -15.74
C HIS A 50 -15.25 -12.57 -14.83
N ALA A 51 -14.88 -13.74 -15.36
CA ALA A 51 -15.00 -14.99 -14.62
C ALA A 51 -14.16 -15.02 -13.34
N ASP A 52 -13.04 -14.28 -13.32
CA ASP A 52 -12.17 -14.17 -12.12
C ASP A 52 -12.58 -13.04 -11.15
N ASN A 53 -13.84 -12.60 -11.26
CA ASN A 53 -14.36 -11.61 -10.33
CA ASN A 53 -14.47 -11.53 -10.49
C ASN A 53 -13.68 -10.22 -10.47
N SER A 54 -13.14 -9.90 -11.63
CA SER A 54 -12.70 -8.54 -11.94
C SER A 54 -13.80 -7.94 -12.80
N VAL A 55 -13.79 -6.62 -12.92
CA VAL A 55 -14.73 -5.90 -13.78
C VAL A 55 -13.95 -4.96 -14.68
N SER A 56 -14.36 -4.89 -15.95
CA SER A 56 -13.84 -3.91 -16.88
C SER A 56 -14.92 -2.95 -17.36
N VAL A 57 -14.53 -1.70 -17.56
CA VAL A 57 -15.40 -0.64 -18.05
C VAL A 57 -14.65 0.01 -19.17
N GLN A 58 -15.30 0.15 -20.34
CA GLN A 58 -14.66 0.78 -21.49
C GLN A 58 -15.60 1.77 -22.12
N ASP A 59 -15.03 2.77 -22.78
CA ASP A 59 -15.80 3.74 -23.53
C ASP A 59 -15.13 3.96 -24.89
N ASP A 60 -15.91 4.49 -25.82
CA ASP A 60 -15.43 4.82 -27.18
C ASP A 60 -15.25 6.32 -27.39
N GLY A 61 -14.97 7.05 -26.31
CA GLY A 61 -14.70 8.48 -26.38
C GLY A 61 -13.31 8.82 -26.88
N ARG A 62 -12.79 9.96 -26.42
CA ARG A 62 -11.59 10.58 -26.98
C ARG A 62 -10.31 9.98 -26.40
N GLY A 63 -10.38 9.27 -25.28
CA GLY A 63 -9.19 8.85 -24.53
C GLY A 63 -8.82 9.82 -23.42
N ILE A 64 -8.61 9.30 -22.22
CA ILE A 64 -8.04 10.06 -21.11
C ILE A 64 -6.70 10.72 -21.56
N PRO A 65 -6.45 12.00 -21.19
CA PRO A 65 -5.20 12.62 -21.63
C PRO A 65 -3.94 11.92 -21.12
N THR A 66 -2.92 11.91 -21.98
CA THR A 66 -1.70 11.10 -21.76
C THR A 66 -0.43 11.92 -21.51
N GLY A 67 -0.44 13.21 -21.91
CA GLY A 67 0.71 14.08 -21.73
C GLY A 67 1.17 14.25 -20.28
N ILE A 68 2.45 14.52 -20.12
CA ILE A 68 3.05 14.69 -18.81
C ILE A 68 2.42 15.92 -18.16
N HIS A 69 1.99 15.79 -16.91
CA HIS A 69 1.41 16.89 -16.16
C HIS A 69 2.55 17.86 -15.77
N PRO A 70 2.43 19.15 -16.14
CA PRO A 70 3.54 20.11 -15.89
C PRO A 70 4.08 20.14 -14.46
N GLU A 71 3.19 20.18 -13.47
CA GLU A 71 3.57 20.21 -12.06
C GLU A 71 3.88 18.84 -11.44
N GLU A 72 3.03 17.85 -11.67
CA GLU A 72 3.20 16.53 -11.06
C GLU A 72 4.34 15.74 -11.67
N GLY A 73 4.64 15.99 -12.94
CA GLY A 73 5.78 15.33 -13.61
C GLY A 73 5.58 13.87 -14.00
N VAL A 74 4.34 13.42 -14.07
CA VAL A 74 3.99 12.11 -14.59
C VAL A 74 2.80 12.31 -15.51
N SER A 75 2.41 11.27 -16.26
CA SER A 75 1.28 11.36 -17.19
CA SER A 75 1.28 11.38 -17.19
C SER A 75 0.02 11.82 -16.46
N ALA A 76 -0.79 12.62 -17.14
CA ALA A 76 -2.06 13.08 -16.61
C ALA A 76 -2.92 11.88 -16.22
N ALA A 77 -2.84 10.81 -17.02
CA ALA A 77 -3.51 9.54 -16.71
C ALA A 77 -3.14 8.99 -15.33
N GLU A 78 -1.85 9.03 -14.99
CA GLU A 78 -1.38 8.60 -13.67
C GLU A 78 -1.80 9.55 -12.54
N VAL A 79 -1.78 10.86 -12.80
CA VAL A 79 -2.20 11.85 -11.81
C VAL A 79 -3.63 11.53 -11.33
N ILE A 80 -4.51 11.30 -12.29
CA ILE A 80 -5.90 11.01 -12.00
C ILE A 80 -6.04 9.70 -11.22
N MET A 81 -5.18 8.73 -11.51
CA MET A 81 -5.21 7.45 -10.82
C MET A 81 -4.61 7.46 -9.42
N THR A 82 -3.79 8.47 -9.11
CA THR A 82 -2.96 8.42 -7.89
C THR A 82 -3.10 9.61 -6.94
N VAL A 83 -3.91 10.60 -7.30
CA VAL A 83 -4.10 11.80 -6.50
C VAL A 83 -5.58 11.87 -6.10
N LEU A 84 -5.83 11.99 -4.79
CA LEU A 84 -7.19 12.28 -4.29
C LEU A 84 -7.68 13.60 -4.83
N HIS A 85 -8.92 13.62 -5.31
CA HIS A 85 -9.52 14.82 -5.90
C HIS A 85 -10.77 15.23 -5.15
N GLY A 103 -19.12 11.97 -5.94
CA GLY A 103 -18.00 11.48 -6.74
C GLY A 103 -16.68 11.50 -5.99
N VAL A 104 -16.22 10.33 -5.54
CA VAL A 104 -14.97 10.20 -4.77
C VAL A 104 -13.65 10.18 -5.59
N GLY A 105 -13.72 9.87 -6.89
CA GLY A 105 -12.53 9.76 -7.75
C GLY A 105 -12.15 8.31 -7.99
N VAL A 106 -11.74 8.01 -9.23
CA VAL A 106 -11.25 6.67 -9.58
C VAL A 106 -9.94 6.31 -8.84
N SER A 107 -9.22 7.31 -8.33
CA SER A 107 -8.03 7.03 -7.50
C SER A 107 -8.39 6.16 -6.29
N VAL A 108 -9.61 6.31 -5.75
CA VAL A 108 -10.10 5.47 -4.64
C VAL A 108 -10.19 4.02 -5.07
N VAL A 109 -10.76 3.81 -6.25
CA VAL A 109 -10.93 2.46 -6.81
C VAL A 109 -9.55 1.81 -6.99
N ASN A 110 -8.63 2.59 -7.52
CA ASN A 110 -7.26 2.16 -7.74
C ASN A 110 -6.57 1.76 -6.43
N ALA A 111 -6.66 2.62 -5.42
CA ALA A 111 -6.09 2.32 -4.09
C ALA A 111 -6.59 1.01 -3.49
N LEU A 112 -7.86 0.69 -3.75
CA LEU A 112 -8.50 -0.48 -3.18
C LEU A 112 -8.61 -1.65 -4.14
N SER A 113 -7.84 -1.61 -5.24
CA SER A 113 -7.72 -2.74 -6.15
C SER A 113 -6.36 -3.41 -6.01
N GLN A 114 -6.35 -4.72 -5.79
CA GLN A 114 -5.11 -5.48 -5.79
C GLN A 114 -4.40 -5.42 -7.13
N LYS A 115 -5.17 -5.31 -8.21
CA LYS A 115 -4.63 -4.96 -9.51
C LYS A 115 -5.61 -4.06 -10.29
N LEU A 116 -5.06 -3.13 -11.07
CA LEU A 116 -5.84 -2.33 -12.02
C LEU A 116 -5.00 -2.15 -13.28
N GLU A 117 -5.62 -2.42 -14.42
CA GLU A 117 -4.98 -2.34 -15.73
C GLU A 117 -5.74 -1.27 -16.50
N LEU A 118 -5.04 -0.39 -17.20
CA LEU A 118 -5.73 0.53 -18.09
C LEU A 118 -5.11 0.54 -19.47
N VAL A 119 -5.94 0.92 -20.44
CA VAL A 119 -5.57 1.10 -21.84
C VAL A 119 -6.25 2.36 -22.36
N ILE A 120 -5.45 3.28 -22.91
CA ILE A 120 -5.96 4.51 -23.52
C ILE A 120 -5.57 4.48 -24.98
N GLN A 121 -6.55 4.64 -25.86
CA GLN A 121 -6.32 4.78 -27.29
C GLN A 121 -6.59 6.25 -27.65
N ARG A 122 -5.52 6.93 -28.08
CA ARG A 122 -5.56 8.37 -28.31
C ARG A 122 -4.44 8.81 -29.24
N GLU A 123 -4.74 9.76 -30.13
CA GLU A 123 -3.73 10.37 -31.03
C GLU A 123 -2.90 9.31 -31.78
N GLY A 124 -3.58 8.28 -32.29
CA GLY A 124 -2.94 7.23 -33.05
C GLY A 124 -2.21 6.15 -32.28
N LYS A 125 -2.23 6.21 -30.95
CA LYS A 125 -1.39 5.35 -30.11
C LYS A 125 -2.19 4.60 -29.03
N ILE A 126 -1.72 3.40 -28.68
CA ILE A 126 -2.24 2.60 -27.58
C ILE A 126 -1.28 2.85 -26.44
N HIS A 127 -1.82 3.27 -25.29
CA HIS A 127 -1.03 3.47 -24.06
C HIS A 127 -1.52 2.47 -23.01
N ARG A 128 -0.60 1.84 -22.28
CA ARG A 128 -0.96 0.89 -21.22
C ARG A 128 -0.25 1.18 -19.93
N GLN A 129 -0.91 0.81 -18.83
CA GLN A 129 -0.31 0.90 -17.50
C GLN A 129 -1.00 -0.06 -16.55
N ILE A 130 -0.21 -0.58 -15.60
CA ILE A 130 -0.67 -1.51 -14.58
C ILE A 130 -0.33 -0.95 -13.19
N TYR A 131 -1.32 -1.04 -12.30
CA TYR A 131 -1.18 -0.70 -10.91
C TYR A 131 -1.45 -1.93 -10.06
N GLU A 132 -0.82 -1.97 -8.88
CA GLU A 132 -1.13 -2.92 -7.84
C GLU A 132 -1.31 -2.15 -6.54
N HIS A 133 -2.48 -2.28 -5.91
CA HIS A 133 -2.84 -1.53 -4.70
C HIS A 133 -2.58 -0.04 -4.86
N GLY A 134 -2.83 0.47 -6.06
CA GLY A 134 -2.65 1.89 -6.36
C GLY A 134 -1.26 2.36 -6.71
N VAL A 135 -0.31 1.43 -6.74
CA VAL A 135 1.08 1.70 -7.04
C VAL A 135 1.37 1.40 -8.51
N PRO A 136 1.82 2.39 -9.28
CA PRO A 136 2.10 2.14 -10.69
C PRO A 136 3.27 1.21 -10.83
N GLN A 137 3.17 0.24 -11.72
CA GLN A 137 4.25 -0.73 -11.90
C GLN A 137 5.33 -0.23 -12.86
N ALA A 138 4.95 0.71 -13.72
CA ALA A 138 5.85 1.37 -14.64
C ALA A 138 5.12 2.62 -15.13
N PRO A 139 5.82 3.56 -15.77
CA PRO A 139 5.09 4.72 -16.29
C PRO A 139 4.14 4.35 -17.44
N LEU A 140 3.09 5.15 -17.66
CA LEU A 140 2.25 5.01 -18.84
C LEU A 140 3.12 4.89 -20.10
N ALA A 141 2.85 3.89 -20.93
CA ALA A 141 3.76 3.55 -22.02
C ALA A 141 3.01 3.29 -23.30
N VAL A 142 3.57 3.79 -24.41
CA VAL A 142 3.01 3.53 -25.73
C VAL A 142 3.39 2.11 -26.15
N THR A 143 2.40 1.29 -26.48
CA THR A 143 2.63 -0.11 -26.83
C THR A 143 2.30 -0.47 -28.29
N GLY A 144 1.75 0.47 -29.06
CA GLY A 144 1.29 0.19 -30.41
C GLY A 144 0.54 1.35 -31.03
N GLU A 145 0.07 1.15 -32.26
CA GLU A 145 -0.69 2.16 -32.99
C GLU A 145 -2.12 1.73 -33.17
N THR A 146 -3.01 2.70 -33.40
CA THR A 146 -4.42 2.42 -33.56
C THR A 146 -5.15 3.57 -34.23
N GLU A 147 -6.25 3.22 -34.91
CA GLU A 147 -7.19 4.19 -35.47
C GLU A 147 -8.26 4.59 -34.44
N LYS A 148 -8.47 3.72 -33.45
CA LYS A 148 -9.56 3.87 -32.48
C LYS A 148 -9.22 4.85 -31.37
N THR A 149 -10.26 5.37 -30.72
CA THR A 149 -10.08 6.18 -29.52
C THR A 149 -10.95 5.64 -28.40
N GLY A 150 -10.54 5.92 -27.16
CA GLY A 150 -11.29 5.47 -26.00
C GLY A 150 -10.40 5.05 -24.87
N THR A 151 -11.05 4.62 -23.79
CA THR A 151 -10.38 4.23 -22.56
C THR A 151 -10.99 2.93 -22.06
N MET A 152 -10.19 2.14 -21.37
CA MET A 152 -10.65 0.92 -20.70
CA MET A 152 -10.63 0.91 -20.72
C MET A 152 -9.89 0.73 -19.41
N VAL A 153 -10.62 0.35 -18.36
CA VAL A 153 -10.02 0.01 -17.07
C VAL A 153 -10.57 -1.33 -16.66
N ARG A 154 -9.68 -2.24 -16.25
CA ARG A 154 -10.08 -3.51 -15.65
C ARG A 154 -9.50 -3.54 -14.25
N PHE A 155 -10.32 -3.83 -13.24
CA PHE A 155 -9.82 -3.84 -11.86
C PHE A 155 -10.24 -5.09 -11.09
N TRP A 156 -9.34 -5.49 -10.18
CA TRP A 156 -9.48 -6.68 -9.36
C TRP A 156 -9.55 -6.14 -7.94
N PRO A 157 -10.76 -6.09 -7.33
CA PRO A 157 -10.89 -5.52 -5.98
C PRO A 157 -10.00 -6.23 -4.99
N SER A 158 -9.41 -5.47 -4.07
CA SER A 158 -8.52 -6.07 -3.09
C SER A 158 -9.28 -6.95 -2.12
N LEU A 159 -8.93 -8.23 -2.07
CA LEU A 159 -9.53 -9.16 -1.09
C LEU A 159 -8.95 -9.03 0.32
N GLU A 160 -7.97 -8.14 0.48
CA GLU A 160 -7.53 -7.66 1.79
C GLU A 160 -8.48 -6.63 2.38
N THR A 161 -9.20 -5.93 1.50
CA THR A 161 -10.16 -4.90 1.89
C THR A 161 -11.58 -5.46 1.88
N PHE A 162 -11.97 -6.10 0.77
CA PHE A 162 -13.36 -6.54 0.61
C PHE A 162 -13.57 -7.96 1.13
N THR A 163 -14.42 -8.09 2.14
CA THR A 163 -14.63 -9.35 2.86
C THR A 163 -16.09 -9.77 2.76
N ASN A 164 -16.35 -11.04 3.04
CA ASN A 164 -17.70 -11.60 3.04
C ASN A 164 -18.33 -11.57 1.63
N VAL A 165 -18.89 -10.43 1.21
CA VAL A 165 -19.33 -10.28 -0.18
C VAL A 165 -18.12 -9.87 -1.03
N THR A 166 -17.57 -10.82 -1.77
CA THR A 166 -16.44 -10.59 -2.66
C THR A 166 -16.76 -10.80 -4.13
N GLU A 167 -17.94 -11.30 -4.46
CA GLU A 167 -18.31 -11.56 -5.85
C GLU A 167 -19.35 -10.55 -6.26
N PHE A 168 -19.30 -10.15 -7.53
CA PHE A 168 -20.23 -9.18 -8.08
C PHE A 168 -21.60 -9.81 -8.34
N GLU A 169 -22.64 -9.20 -7.78
CA GLU A 169 -24.04 -9.49 -8.11
C GLU A 169 -24.52 -8.71 -9.35
N TYR A 170 -24.82 -9.44 -10.41
CA TYR A 170 -25.29 -8.88 -11.68
C TYR A 170 -26.43 -7.86 -11.54
N GLU A 171 -27.44 -8.22 -10.74
CA GLU A 171 -28.63 -7.37 -10.63
C GLU A 171 -28.41 -6.04 -9.93
N ILE A 172 -27.44 -5.99 -9.02
CA ILE A 172 -27.06 -4.73 -8.39
C ILE A 172 -26.44 -3.80 -9.44
N LEU A 173 -25.58 -4.34 -10.29
CA LEU A 173 -25.00 -3.54 -11.38
C LEU A 173 -26.07 -3.11 -12.37
N ALA A 174 -26.91 -4.05 -12.80
CA ALA A 174 -27.95 -3.82 -13.80
C ALA A 174 -28.95 -2.74 -13.38
N LYS A 175 -29.36 -2.78 -12.11
CA LYS A 175 -30.27 -1.79 -11.56
C LYS A 175 -29.75 -0.35 -11.69
N ARG A 176 -28.50 -0.13 -11.27
CA ARG A 176 -27.89 1.20 -11.33
C ARG A 176 -27.65 1.68 -12.76
N LEU A 177 -27.20 0.77 -13.63
CA LEU A 177 -26.91 1.11 -15.02
C LEU A 177 -28.19 1.48 -15.75
N ARG A 178 -29.29 0.78 -15.42
CA ARG A 178 -30.62 1.19 -15.93
C ARG A 178 -30.95 2.63 -15.55
N GLU A 179 -30.82 3.00 -14.27
CA GLU A 179 -31.11 4.38 -13.83
C GLU A 179 -30.24 5.37 -14.60
N LEU A 180 -28.95 5.05 -14.70
CA LEU A 180 -28.01 5.91 -15.44
C LEU A 180 -28.38 6.11 -16.91
N SER A 181 -28.91 5.08 -17.56
CA SER A 181 -29.28 5.17 -18.98
C SER A 181 -30.41 6.18 -19.21
N PHE A 182 -31.38 6.24 -18.30
CA PHE A 182 -32.45 7.27 -18.37
C PHE A 182 -31.88 8.66 -18.16
N LEU A 183 -30.97 8.81 -17.20
CA LEU A 183 -30.43 10.13 -16.88
C LEU A 183 -29.48 10.61 -17.96
N ASN A 184 -28.65 9.71 -18.50
CA ASN A 184 -27.74 10.02 -19.60
C ASN A 184 -28.32 9.47 -20.90
N SER A 185 -29.46 10.03 -21.29
CA SER A 185 -30.14 9.71 -22.55
C SER A 185 -29.18 9.72 -23.72
N GLY A 186 -29.33 8.78 -24.64
CA GLY A 186 -28.41 8.74 -25.79
C GLY A 186 -27.04 8.09 -25.56
N VAL A 187 -26.69 7.73 -24.30
CA VAL A 187 -25.52 6.89 -24.05
C VAL A 187 -25.95 5.43 -24.03
N SER A 188 -25.25 4.60 -24.81
CA SER A 188 -25.57 3.19 -24.85
C SER A 188 -24.77 2.51 -23.74
N ILE A 189 -25.42 1.73 -22.88
CA ILE A 189 -24.72 1.00 -21.81
C ILE A 189 -24.94 -0.49 -21.96
N ARG A 190 -23.88 -1.22 -22.24
CA ARG A 190 -23.93 -2.68 -22.30
C ARG A 190 -23.34 -3.30 -21.05
N LEU A 191 -24.02 -4.31 -20.52
CA LEU A 191 -23.57 -5.06 -19.36
C LEU A 191 -23.46 -6.53 -19.77
N ARG A 192 -22.31 -7.15 -19.51
CA ARG A 192 -22.04 -8.54 -19.87
C ARG A 192 -21.49 -9.26 -18.65
N ASP A 193 -22.00 -10.47 -18.40
CA ASP A 193 -21.49 -11.34 -17.35
C ASP A 193 -20.88 -12.55 -18.02
N LYS A 194 -19.55 -12.65 -17.99
CA LYS A 194 -18.86 -13.79 -18.59
C LYS A 194 -18.92 -15.06 -17.73
N ARG A 195 -19.39 -14.97 -16.49
CA ARG A 195 -19.55 -16.16 -15.63
C ARG A 195 -20.66 -17.10 -16.12
N ASP A 196 -21.77 -16.51 -16.56
CA ASP A 196 -22.95 -17.26 -17.02
C ASP A 196 -23.56 -16.81 -18.36
N GLY A 197 -22.91 -15.86 -19.07
CA GLY A 197 -23.41 -15.39 -20.36
C GLY A 197 -24.52 -14.33 -20.35
N LYS A 198 -25.02 -13.95 -19.17
CA LYS A 198 -26.10 -12.95 -19.10
C LYS A 198 -25.66 -11.62 -19.72
N GLU A 199 -26.59 -10.94 -20.37
CA GLU A 199 -26.31 -9.63 -20.95
C GLU A 199 -27.53 -8.71 -20.97
N ASP A 200 -27.28 -7.41 -20.91
CA ASP A 200 -28.30 -6.40 -21.07
C ASP A 200 -27.76 -5.23 -21.86
N HIS A 201 -28.68 -4.48 -22.44
CA HIS A 201 -28.33 -3.30 -23.21
C HIS A 201 -29.29 -2.19 -22.81
N PHE A 202 -28.80 -1.23 -22.03
CA PHE A 202 -29.61 -0.09 -21.59
C PHE A 202 -29.35 1.09 -22.50
N HIS A 203 -30.38 1.58 -23.17
CA HIS A 203 -30.29 2.72 -24.07
CA HIS A 203 -30.28 2.72 -24.09
C HIS A 203 -31.67 3.39 -24.18
N TYR A 204 -31.76 4.65 -23.75
CA TYR A 204 -33.10 5.31 -23.61
C TYR A 204 -33.65 5.84 -24.95
N LEU B 2 3.78 7.56 1.86
CA LEU B 2 4.77 6.51 1.47
C LEU B 2 4.76 6.04 0.00
N ASP B 3 3.83 6.54 -0.81
CA ASP B 3 3.71 6.09 -2.22
C ASP B 3 4.99 6.27 -3.04
N ALA B 4 5.74 7.34 -2.80
CA ALA B 4 7.02 7.53 -3.48
C ALA B 4 8.00 6.35 -3.25
N VAL B 5 7.99 5.78 -2.04
CA VAL B 5 8.84 4.63 -1.72
C VAL B 5 8.33 3.36 -2.42
N ARG B 6 7.02 3.17 -2.38
CA ARG B 6 6.38 2.02 -3.02
C ARG B 6 6.61 2.04 -4.54
N LYS B 7 6.54 3.23 -5.14
CA LYS B 7 6.77 3.37 -6.59
C LYS B 7 8.20 2.92 -7.03
N ARG B 8 9.21 3.17 -6.20
CA ARG B 8 10.62 2.81 -6.54
C ARG B 8 11.40 2.35 -5.30
N PRO B 9 11.12 1.13 -4.80
CA PRO B 9 11.72 0.67 -3.53
C PRO B 9 13.24 0.70 -3.51
N GLY B 10 13.84 0.23 -4.61
CA GLY B 10 15.29 0.16 -4.76
C GLY B 10 16.02 1.48 -4.59
N MET B 11 15.38 2.58 -4.97
CA MET B 11 15.93 3.93 -4.74
C MET B 11 16.08 4.28 -3.25
N TYR B 12 15.29 3.65 -2.38
CA TYR B 12 15.30 3.94 -0.95
C TYR B 12 16.03 2.93 -0.11
N ILE B 13 15.88 1.64 -0.43
CA ILE B 13 16.44 0.56 0.41
C ILE B 13 17.64 -0.16 -0.21
N GLY B 14 17.93 0.07 -1.49
CA GLY B 14 19.02 -0.64 -2.18
C GLY B 14 18.46 -1.78 -3.00
N ASP B 15 19.32 -2.73 -3.33
CA ASP B 15 18.98 -3.81 -4.27
C ASP B 15 18.02 -4.81 -3.60
N THR B 16 16.84 -4.95 -4.19
CA THR B 16 15.78 -5.81 -3.63
C THR B 16 15.82 -7.28 -4.05
N ASP B 17 16.88 -7.66 -4.79
CA ASP B 17 17.03 -9.02 -5.31
C ASP B 17 18.24 -9.81 -4.72
N ASP B 18 19.33 -9.13 -4.37
CA ASP B 18 20.57 -9.82 -3.94
C ASP B 18 20.77 -9.91 -2.42
N GLY B 19 19.76 -9.49 -1.65
CA GLY B 19 19.84 -9.62 -0.18
C GLY B 19 20.44 -8.40 0.52
N THR B 20 21.03 -7.46 -0.21
CA THR B 20 21.64 -6.28 0.41
C THR B 20 20.54 -5.33 0.96
N GLY B 21 19.53 -5.03 0.16
CA GLY B 21 18.35 -4.28 0.64
C GLY B 21 17.65 -4.97 1.80
N LEU B 22 17.45 -6.28 1.69
CA LEU B 22 16.84 -7.04 2.76
C LEU B 22 17.51 -6.81 4.12
N HIS B 23 18.84 -6.91 4.14
CA HIS B 23 19.57 -6.71 5.39
C HIS B 23 19.64 -5.24 5.77
N HIS B 24 19.65 -4.33 4.81
CA HIS B 24 19.57 -2.90 5.13
CA HIS B 24 19.57 -2.90 5.14
C HIS B 24 18.33 -2.58 5.99
N MET B 25 17.23 -3.30 5.75
CA MET B 25 15.98 -3.15 6.54
C MET B 25 16.25 -3.31 8.04
N VAL B 26 16.97 -4.37 8.40
CA VAL B 26 17.33 -4.62 9.78
C VAL B 26 18.26 -3.50 10.29
N PHE B 27 19.24 -3.11 9.50
CA PHE B 27 20.22 -2.13 10.00
C PHE B 27 19.63 -0.74 10.23
N GLU B 28 18.65 -0.38 9.42
CA GLU B 28 17.93 0.86 9.65
C GLU B 28 17.18 0.79 10.99
N VAL B 29 16.52 -0.31 11.26
CA VAL B 29 15.78 -0.45 12.51
C VAL B 29 16.77 -0.43 13.70
N VAL B 30 17.89 -1.11 13.53
CA VAL B 30 18.91 -1.15 14.59
C VAL B 30 19.47 0.25 14.89
N ASP B 31 19.70 1.08 13.87
CA ASP B 31 20.16 2.45 14.10
C ASP B 31 19.19 3.24 15.00
N ASN B 32 17.89 3.08 14.74
CA ASN B 32 16.89 3.74 15.56
C ASN B 32 16.90 3.23 17.00
N ALA B 33 17.04 1.92 17.16
CA ALA B 33 17.05 1.31 18.48
C ALA B 33 18.28 1.74 19.29
N ILE B 34 19.42 1.82 18.64
CA ILE B 34 20.63 2.31 19.30
C ILE B 34 20.46 3.74 19.79
N ASP B 35 19.87 4.61 18.95
CA ASP B 35 19.59 6.00 19.36
C ASP B 35 18.67 6.01 20.60
N GLU B 36 17.60 5.20 20.57
CA GLU B 36 16.75 5.03 21.73
C GLU B 36 17.47 4.50 22.97
N ALA B 37 18.28 3.47 22.79
CA ALA B 37 18.97 2.85 23.93
C ALA B 37 19.91 3.85 24.62
N LEU B 38 20.59 4.68 23.82
CA LEU B 38 21.55 5.66 24.34
C LEU B 38 20.97 6.73 25.28
N ALA B 39 19.68 7.01 25.19
CA ALA B 39 19.05 8.00 26.07
C ALA B 39 18.82 7.52 27.51
N GLY B 40 18.71 6.20 27.73
CA GLY B 40 18.53 5.63 29.08
C GLY B 40 19.84 5.22 29.75
N HIS B 41 19.76 4.67 30.95
CA HIS B 41 20.97 4.34 31.73
C HIS B 41 21.51 2.94 31.43
N CYS B 42 20.64 1.94 31.41
CA CYS B 42 21.11 0.55 31.23
C CYS B 42 21.48 0.17 29.79
N LYS B 43 20.80 0.73 28.80
CA LYS B 43 21.21 0.62 27.40
C LYS B 43 21.35 -0.82 26.90
N GLU B 44 20.22 -1.46 26.59
CA GLU B 44 20.25 -2.78 25.96
C GLU B 44 19.32 -2.85 24.75
N ILE B 45 19.82 -3.40 23.66
CA ILE B 45 18.98 -3.75 22.52
C ILE B 45 19.08 -5.25 22.28
N ILE B 46 17.97 -5.83 21.81
CA ILE B 46 17.90 -7.23 21.43
C ILE B 46 17.36 -7.36 20.01
N VAL B 47 18.14 -8.04 19.17
CA VAL B 47 17.78 -8.33 17.80
C VAL B 47 17.51 -9.82 17.74
N THR B 48 16.30 -10.17 17.32
CA THR B 48 15.86 -11.55 17.19
C THR B 48 15.42 -11.91 15.77
N ILE B 49 16.01 -12.98 15.24
CA ILE B 49 15.58 -13.56 13.98
C ILE B 49 14.58 -14.65 14.33
N HIS B 50 13.31 -14.43 13.98
CA HIS B 50 12.24 -15.38 14.23
C HIS B 50 12.22 -16.49 13.17
N ALA B 51 11.60 -17.62 13.52
CA ALA B 51 11.49 -18.79 12.63
C ALA B 51 10.78 -18.48 11.32
N ASP B 52 9.78 -17.59 11.37
CA ASP B 52 9.06 -17.15 10.18
C ASP B 52 9.82 -16.14 9.29
N ASN B 53 11.12 -15.94 9.54
CA ASN B 53 11.92 -14.92 8.87
C ASN B 53 11.41 -13.47 8.97
N SER B 54 10.71 -13.17 10.06
CA SER B 54 10.64 -11.80 10.58
C SER B 54 11.82 -11.54 11.52
N VAL B 55 12.10 -10.26 11.76
CA VAL B 55 13.12 -9.82 12.72
C VAL B 55 12.47 -8.84 13.68
N SER B 56 12.79 -8.98 14.96
CA SER B 56 12.40 -8.00 15.93
C SER B 56 13.61 -7.28 16.50
N VAL B 57 13.43 -6.02 16.81
CA VAL B 57 14.46 -5.19 17.45
C VAL B 57 13.77 -4.48 18.60
N GLN B 58 14.37 -4.55 19.79
CA GLN B 58 13.82 -3.89 20.96
C GLN B 58 14.91 -3.17 21.72
N ASP B 59 14.52 -2.15 22.46
CA ASP B 59 15.41 -1.44 23.38
C ASP B 59 14.68 -1.15 24.68
N ASP B 60 15.45 -0.92 25.74
CA ASP B 60 14.89 -0.53 27.05
C ASP B 60 15.02 0.96 27.34
N GLY B 61 14.97 1.79 26.30
CA GLY B 61 15.02 3.24 26.46
C GLY B 61 13.70 3.82 26.91
N ARG B 62 13.43 5.06 26.51
CA ARG B 62 12.29 5.82 27.08
C ARG B 62 10.95 5.56 26.39
N GLY B 63 10.95 4.85 25.27
CA GLY B 63 9.75 4.65 24.49
C GLY B 63 9.58 5.78 23.50
N ILE B 64 9.34 5.42 22.24
CA ILE B 64 8.98 6.42 21.21
C ILE B 64 7.77 7.22 21.69
N PRO B 65 7.73 8.55 21.45
CA PRO B 65 6.57 9.34 21.91
C PRO B 65 5.26 8.88 21.29
N THR B 66 4.20 8.92 22.09
CA THR B 66 2.88 8.37 21.73
C THR B 66 1.74 9.38 21.61
N GLY B 67 1.91 10.59 22.16
CA GLY B 67 0.88 11.62 22.08
C GLY B 67 0.50 11.99 20.66
N ILE B 68 -0.72 12.47 20.49
CA ILE B 68 -1.21 12.90 19.18
C ILE B 68 -0.42 14.13 18.70
N HIS B 69 0.05 14.08 17.46
CA HIS B 69 0.73 15.19 16.80
C HIS B 69 -0.30 16.27 16.49
N PRO B 70 -0.10 17.52 16.97
CA PRO B 70 -1.17 18.53 16.86
C PRO B 70 -1.66 18.84 15.43
N GLU B 71 -0.76 18.87 14.46
CA GLU B 71 -1.08 19.03 13.02
C GLU B 71 -1.53 17.74 12.31
N GLU B 72 -0.77 16.67 12.44
CA GLU B 72 -1.03 15.40 11.72
C GLU B 72 -2.27 14.69 12.24
N GLY B 73 -2.55 14.84 13.53
CA GLY B 73 -3.76 14.30 14.13
C GLY B 73 -3.74 12.80 14.36
N VAL B 74 -2.54 12.21 14.40
CA VAL B 74 -2.35 10.81 14.78
C VAL B 74 -1.17 10.79 15.74
N SER B 75 -1.02 9.69 16.46
CA SER B 75 0.08 9.56 17.41
C SER B 75 1.42 9.89 16.75
N ALA B 76 2.31 10.52 17.50
CA ALA B 76 3.68 10.76 17.01
C ALA B 76 4.34 9.47 16.52
N ALA B 77 4.09 8.36 17.20
CA ALA B 77 4.59 7.05 16.80
C ALA B 77 4.18 6.67 15.36
N GLU B 78 2.92 6.94 15.00
CA GLU B 78 2.43 6.71 13.65
C GLU B 78 3.00 7.72 12.65
N VAL B 79 3.09 8.99 13.03
CA VAL B 79 3.72 9.97 12.14
C VAL B 79 5.11 9.48 11.69
N ILE B 80 5.95 9.08 12.64
CA ILE B 80 7.31 8.60 12.34
C ILE B 80 7.29 7.37 11.40
N MET B 81 6.31 6.48 11.58
CA MET B 81 6.17 5.30 10.75
C MET B 81 5.59 5.56 9.34
N THR B 82 4.93 6.70 9.10
CA THR B 82 4.14 6.88 7.86
C THR B 82 4.49 8.10 7.00
N VAL B 83 5.52 8.84 7.39
CA VAL B 83 5.96 10.07 6.71
CA VAL B 83 5.94 10.01 6.63
C VAL B 83 7.41 9.90 6.31
N LEU B 84 7.74 10.30 5.08
CA LEU B 84 9.10 10.31 4.59
C LEU B 84 9.80 11.49 5.26
N HIS B 85 10.99 11.29 5.81
CA HIS B 85 11.73 12.36 6.51
C HIS B 85 10.93 12.93 7.70
N ALA B 86 10.57 12.04 8.61
CA ALA B 86 9.78 12.38 9.79
C ALA B 86 10.56 13.31 10.73
N GLY B 103 20.99 7.51 6.95
CA GLY B 103 19.79 6.77 7.34
C GLY B 103 18.59 7.08 6.45
N VAL B 104 17.81 6.05 6.15
CA VAL B 104 16.67 6.18 5.23
C VAL B 104 15.34 6.46 5.96
N GLY B 105 15.32 6.23 7.28
CA GLY B 105 14.09 6.39 8.06
C GLY B 105 13.35 5.07 8.17
N VAL B 106 12.83 4.80 9.36
CA VAL B 106 12.06 3.58 9.61
C VAL B 106 10.77 3.50 8.78
N SER B 107 10.24 4.64 8.32
CA SER B 107 9.04 4.60 7.47
C SER B 107 9.29 3.85 6.15
N VAL B 108 10.52 3.86 5.65
CA VAL B 108 10.90 3.07 4.47
C VAL B 108 10.76 1.57 4.77
N VAL B 109 11.24 1.16 5.93
CA VAL B 109 11.15 -0.23 6.37
C VAL B 109 9.67 -0.64 6.47
N ASN B 110 8.87 0.23 7.06
CA ASN B 110 7.45 0.00 7.24
C ASN B 110 6.78 -0.15 5.88
N ALA B 111 7.05 0.80 4.98
CA ALA B 111 6.50 0.77 3.61
C ALA B 111 6.77 -0.54 2.88
N LEU B 112 7.97 -1.09 3.09
CA LEU B 112 8.40 -2.32 2.43
C LEU B 112 8.25 -3.59 3.27
N SER B 113 7.44 -3.52 4.34
CA SER B 113 7.12 -4.67 5.14
C SER B 113 5.66 -5.06 4.90
N GLN B 114 5.45 -6.33 4.60
CA GLN B 114 4.07 -6.84 4.51
C GLN B 114 3.33 -6.81 5.84
N LYS B 115 4.05 -6.93 6.95
CA LYS B 115 3.51 -6.68 8.28
C LYS B 115 4.56 -6.04 9.16
N LEU B 116 4.13 -5.12 10.02
CA LEU B 116 5.00 -4.55 11.05
C LEU B 116 4.19 -4.34 12.33
N GLU B 117 4.69 -4.88 13.44
CA GLU B 117 4.06 -4.76 14.77
C GLU B 117 4.96 -3.92 15.63
N LEU B 118 4.38 -2.96 16.33
CA LEU B 118 5.14 -2.20 17.31
C LEU B 118 4.49 -2.21 18.69
N VAL B 119 5.34 -2.19 19.71
CA VAL B 119 4.94 -2.09 21.10
C VAL B 119 5.81 -1.02 21.75
N ILE B 120 5.18 0.00 22.32
CA ILE B 120 5.85 1.05 23.06
C ILE B 120 5.39 1.00 24.52
N GLN B 121 6.36 0.90 25.43
CA GLN B 121 6.12 0.97 26.86
C GLN B 121 6.64 2.30 27.38
N ARG B 122 5.72 3.09 27.93
CA ARG B 122 6.00 4.48 28.29
C ARG B 122 4.91 4.99 29.22
N GLU B 123 5.30 5.74 30.25
CA GLU B 123 4.37 6.36 31.22
C GLU B 123 3.38 5.37 31.84
N GLY B 124 3.90 4.20 32.17
CA GLY B 124 3.12 3.12 32.76
C GLY B 124 2.15 2.37 31.85
N LYS B 125 2.22 2.61 30.53
CA LYS B 125 1.26 2.06 29.60
C LYS B 125 1.93 1.32 28.43
N ILE B 126 1.30 0.21 28.03
CA ILE B 126 1.65 -0.54 26.84
C ILE B 126 0.83 -0.01 25.66
N HIS B 127 1.52 0.42 24.62
CA HIS B 127 0.89 0.89 23.38
C HIS B 127 1.22 -0.10 22.25
N ARG B 128 0.20 -0.49 21.48
CA ARG B 128 0.38 -1.45 20.41
C ARG B 128 -0.21 -0.93 19.12
N GLN B 129 0.44 -1.27 18.01
CA GLN B 129 -0.08 -0.97 16.69
C GLN B 129 0.47 -1.94 15.67
N ILE B 130 -0.36 -2.23 14.65
CA ILE B 130 -0.01 -3.14 13.55
CA ILE B 130 0.02 -3.13 13.55
C ILE B 130 -0.15 -2.40 12.22
N TYR B 131 0.81 -2.62 11.32
CA TYR B 131 0.80 -2.08 9.97
C TYR B 131 0.87 -3.24 8.98
N GLU B 132 0.32 -3.03 7.78
CA GLU B 132 0.53 -3.92 6.65
C GLU B 132 0.85 -3.07 5.45
N HIS B 133 2.00 -3.33 4.82
CA HIS B 133 2.51 -2.53 3.70
C HIS B 133 2.50 -1.03 4.02
N GLY B 134 2.80 -0.71 5.27
CA GLY B 134 2.88 0.65 5.75
C GLY B 134 1.55 1.32 6.10
N VAL B 135 0.46 0.58 5.99
CA VAL B 135 -0.88 1.06 6.30
C VAL B 135 -1.22 0.59 7.72
N PRO B 136 -1.47 1.54 8.64
CA PRO B 136 -1.88 1.13 9.99
C PRO B 136 -3.27 0.50 9.98
N GLN B 137 -3.43 -0.57 10.74
CA GLN B 137 -4.67 -1.32 10.80
C GLN B 137 -5.65 -0.73 11.81
N ALA B 138 -5.13 0.03 12.76
CA ALA B 138 -5.93 0.81 13.71
C ALA B 138 -5.03 1.88 14.31
N PRO B 139 -5.61 2.89 14.97
CA PRO B 139 -4.79 3.85 15.72
C PRO B 139 -3.99 3.19 16.83
N LEU B 140 -2.86 3.80 17.20
CA LEU B 140 -2.07 3.36 18.33
C LEU B 140 -2.98 3.23 19.56
N ALA B 141 -2.93 2.09 20.24
CA ALA B 141 -3.87 1.82 21.33
C ALA B 141 -3.14 1.46 22.63
N VAL B 142 -3.61 2.01 23.75
CA VAL B 142 -3.15 1.56 25.06
C VAL B 142 -3.90 0.28 25.40
N THR B 143 -3.16 -0.83 25.52
CA THR B 143 -3.76 -2.13 25.75
C THR B 143 -3.52 -2.68 27.17
N GLY B 144 -2.70 -2.02 27.96
CA GLY B 144 -2.33 -2.51 29.28
C GLY B 144 -1.38 -1.64 30.04
N GLU B 145 -0.89 -2.19 31.15
CA GLU B 145 -0.01 -1.46 32.07
C GLU B 145 1.35 -2.13 32.14
N THR B 146 2.34 -1.36 32.52
CA THR B 146 3.71 -1.85 32.62
C THR B 146 4.50 -0.92 33.50
N GLU B 147 5.54 -1.43 34.16
CA GLU B 147 6.51 -0.57 34.83
C GLU B 147 7.85 -0.51 34.08
N LYS B 148 7.92 -1.15 32.91
CA LYS B 148 9.11 -1.06 32.06
C LYS B 148 8.94 0.07 31.05
N THR B 149 10.04 0.50 30.45
CA THR B 149 9.98 1.45 29.34
C THR B 149 10.75 0.87 28.17
N GLY B 150 10.40 1.30 26.96
CA GLY B 150 11.09 0.85 25.74
C GLY B 150 10.22 0.75 24.51
N THR B 151 10.85 0.33 23.41
CA THR B 151 10.22 0.21 22.12
C THR B 151 10.59 -1.15 21.54
N MET B 152 9.64 -1.76 20.85
CA MET B 152 9.87 -2.99 20.11
CA MET B 152 9.92 -2.97 20.09
C MET B 152 9.23 -2.87 18.72
N VAL B 153 9.97 -3.26 17.69
CA VAL B 153 9.43 -3.34 16.32
C VAL B 153 9.73 -4.73 15.80
N ARG B 154 8.71 -5.39 15.24
CA ARG B 154 8.89 -6.66 14.56
C ARG B 154 8.35 -6.49 13.15
N PHE B 155 9.15 -6.86 12.15
CA PHE B 155 8.73 -6.70 10.78
C PHE B 155 8.99 -7.93 9.94
N TRP B 156 8.08 -8.12 8.98
CA TRP B 156 8.10 -9.19 8.02
C TRP B 156 8.32 -8.48 6.67
N PRO B 157 9.52 -8.60 6.07
CA PRO B 157 9.75 -7.90 4.80
CA PRO B 157 9.79 -7.93 4.79
C PRO B 157 8.79 -8.38 3.71
N SER B 158 8.36 -7.44 2.87
CA SER B 158 7.37 -7.79 1.87
C SER B 158 7.99 -8.69 0.82
N LEU B 159 7.39 -9.86 0.65
CA LEU B 159 7.79 -10.82 -0.40
C LEU B 159 7.36 -10.36 -1.80
N GLU B 160 6.51 -9.34 -1.90
CA GLU B 160 6.21 -8.67 -3.17
C GLU B 160 7.35 -7.75 -3.60
N THR B 161 8.18 -7.31 -2.64
CA THR B 161 9.31 -6.43 -2.94
C THR B 161 10.62 -7.20 -2.96
N PHE B 162 10.87 -7.99 -1.93
CA PHE B 162 12.15 -8.66 -1.78
C PHE B 162 12.07 -10.05 -2.42
N THR B 163 12.85 -10.22 -3.48
CA THR B 163 12.84 -11.41 -4.31
C THR B 163 14.18 -12.09 -4.24
N ASN B 164 14.18 -13.35 -4.62
CA ASN B 164 15.41 -14.16 -4.68
C ASN B 164 16.01 -14.45 -3.31
N VAL B 165 16.65 -13.47 -2.67
CA VAL B 165 17.14 -13.61 -1.28
C VAL B 165 16.08 -13.05 -0.32
N THR B 166 15.41 -13.93 0.41
CA THR B 166 14.33 -13.55 1.32
C THR B 166 14.53 -13.97 2.78
N GLU B 167 15.67 -14.62 3.09
CA GLU B 167 15.96 -15.10 4.45
C GLU B 167 17.20 -14.37 5.01
N PHE B 168 17.15 -14.01 6.28
CA PHE B 168 18.26 -13.32 6.95
C PHE B 168 19.41 -14.27 7.26
N GLU B 169 20.63 -13.77 7.12
CA GLU B 169 21.86 -14.52 7.27
C GLU B 169 22.45 -14.04 8.59
N TYR B 170 22.53 -14.96 9.57
CA TYR B 170 23.01 -14.66 10.91
C TYR B 170 24.32 -13.88 10.89
N GLU B 171 25.26 -14.35 10.07
CA GLU B 171 26.61 -13.80 10.01
C GLU B 171 26.67 -12.34 9.55
N ILE B 172 25.80 -11.96 8.61
CA ILE B 172 25.76 -10.59 8.14
C ILE B 172 25.33 -9.70 9.29
N LEU B 173 24.31 -10.11 10.04
CA LEU B 173 23.86 -9.36 11.21
C LEU B 173 24.89 -9.34 12.37
N ALA B 174 25.47 -10.50 12.66
CA ALA B 174 26.41 -10.61 13.78
C ALA B 174 27.64 -9.73 13.60
N LYS B 175 28.23 -9.74 12.43
CA LYS B 175 29.46 -8.98 12.25
C LYS B 175 29.20 -7.47 12.26
N ARG B 176 28.05 -7.03 11.75
CA ARG B 176 27.66 -5.63 11.81
C ARG B 176 27.39 -5.16 13.24
N LEU B 177 26.64 -5.95 14.00
CA LEU B 177 26.34 -5.61 15.38
C LEU B 177 27.63 -5.55 16.24
N ARG B 178 28.55 -6.45 15.95
CA ARG B 178 29.87 -6.43 16.61
C ARG B 178 30.60 -5.11 16.30
N GLU B 179 30.66 -4.72 15.03
CA GLU B 179 31.26 -3.42 14.67
C GLU B 179 30.55 -2.27 15.40
N LEU B 180 29.22 -2.30 15.42
CA LEU B 180 28.45 -1.27 16.10
C LEU B 180 28.72 -1.17 17.61
N SER B 181 28.95 -2.31 18.26
CA SER B 181 29.19 -2.29 19.73
C SER B 181 30.40 -1.45 20.13
N PHE B 182 31.47 -1.52 19.34
CA PHE B 182 32.70 -0.71 19.62
C PHE B 182 32.51 0.81 19.40
N LEU B 183 31.62 1.18 18.48
CA LEU B 183 31.29 2.60 18.29
C LEU B 183 30.30 3.12 19.30
N ASN B 184 29.47 2.23 19.85
CA ASN B 184 28.44 2.61 20.80
C ASN B 184 28.74 2.01 22.15
N SER B 185 29.81 2.53 22.74
CA SER B 185 30.34 2.03 23.99
C SER B 185 29.30 2.16 25.09
N GLY B 186 29.12 1.08 25.86
CA GLY B 186 28.12 1.04 26.91
C GLY B 186 26.78 0.41 26.52
N VAL B 187 26.51 0.25 25.22
CA VAL B 187 25.25 -0.33 24.76
C VAL B 187 25.41 -1.85 24.60
N SER B 188 24.59 -2.59 25.33
CA SER B 188 24.57 -4.04 25.24
C SER B 188 23.74 -4.44 24.04
N ILE B 189 24.30 -5.26 23.13
CA ILE B 189 23.57 -5.70 21.95
C ILE B 189 23.49 -7.22 21.94
N ARG B 190 22.27 -7.75 22.04
CA ARG B 190 22.05 -9.20 21.97
C ARG B 190 21.48 -9.61 20.63
N LEU B 191 21.99 -10.71 20.08
CA LEU B 191 21.47 -11.28 18.84
C LEU B 191 21.05 -12.72 19.13
N ARG B 192 19.82 -13.05 18.74
CA ARG B 192 19.19 -14.36 18.95
C ARG B 192 18.62 -14.85 17.63
N ASP B 193 18.97 -16.07 17.24
CA ASP B 193 18.41 -16.74 16.08
C ASP B 193 17.52 -17.87 16.59
N LYS B 194 16.21 -17.65 16.55
CA LYS B 194 15.24 -18.68 16.94
C LYS B 194 15.11 -19.82 15.90
N ARG B 195 15.75 -19.73 14.73
CA ARG B 195 15.75 -20.85 13.79
C ARG B 195 16.63 -22.00 14.29
N ASP B 196 17.72 -21.68 14.99
CA ASP B 196 18.65 -22.73 15.49
C ASP B 196 19.17 -22.55 16.93
N GLY B 197 18.67 -21.57 17.67
CA GLY B 197 19.14 -21.30 19.03
C GLY B 197 20.46 -20.52 19.14
N LYS B 198 21.07 -20.18 18.00
CA LYS B 198 22.36 -19.46 17.97
C LYS B 198 22.16 -18.12 18.69
N GLU B 199 23.15 -17.71 19.48
CA GLU B 199 23.05 -16.53 20.31
C GLU B 199 24.42 -15.86 20.41
N ASP B 200 24.41 -14.53 20.48
CA ASP B 200 25.62 -13.72 20.71
C ASP B 200 25.29 -12.49 21.55
N HIS B 201 26.32 -11.98 22.21
CA HIS B 201 26.21 -10.79 23.05
C HIS B 201 27.44 -9.90 22.79
N PHE B 202 27.19 -8.70 22.27
CA PHE B 202 28.26 -7.77 21.92
C PHE B 202 28.11 -6.58 22.84
N HIS B 203 29.13 -6.37 23.66
CA HIS B 203 29.09 -5.37 24.70
C HIS B 203 30.51 -4.88 24.92
N TYR B 204 30.75 -3.63 24.56
CA TYR B 204 32.03 -3.00 24.73
C TYR B 204 31.87 -1.87 25.75
N GLU B 205 32.64 -1.96 26.84
CA GLU B 205 32.70 -0.90 27.85
C GLU B 205 33.96 -0.11 27.56
N GLY B 206 33.81 1.00 26.85
CA GLY B 206 34.90 1.90 26.52
C GLY B 206 34.54 3.30 26.94
N GLY B 207 35.40 3.93 27.69
CA GLY B 207 35.13 5.24 28.27
C GLY B 207 34.28 5.09 29.50
#